data_239D
# 
_entry.id   239D 
# 
_audit_conform.dict_name       mmcif_pdbx.dic 
_audit_conform.dict_version    5.387 
_audit_conform.dict_location   http://mmcif.pdb.org/dictionaries/ascii/mmcif_pdbx.dic 
# 
loop_
_database_2.database_id 
_database_2.database_code 
_database_2.pdbx_database_accession 
_database_2.pdbx_DOI 
PDB   239D         pdb_0000239d 10.2210/pdb239d/pdb 
RCSB  ZDF049       ?            ?                   
WWPDB D_1000177629 ?            ?                   
# 
loop_
_pdbx_audit_revision_history.ordinal 
_pdbx_audit_revision_history.data_content_type 
_pdbx_audit_revision_history.major_revision 
_pdbx_audit_revision_history.minor_revision 
_pdbx_audit_revision_history.revision_date 
1 'Structure model' 1 0 1996-11-08 
2 'Structure model' 1 1 2008-05-22 
3 'Structure model' 1 2 2011-07-13 
4 'Structure model' 1 3 2018-04-18 
5 'Structure model' 1 4 2024-02-14 
# 
_pdbx_audit_revision_details.ordinal             1 
_pdbx_audit_revision_details.revision_ordinal    1 
_pdbx_audit_revision_details.data_content_type   'Structure model' 
_pdbx_audit_revision_details.provider            repository 
_pdbx_audit_revision_details.type                'Initial release' 
_pdbx_audit_revision_details.description         ? 
_pdbx_audit_revision_details.details             ? 
# 
loop_
_pdbx_audit_revision_group.ordinal 
_pdbx_audit_revision_group.revision_ordinal 
_pdbx_audit_revision_group.data_content_type 
_pdbx_audit_revision_group.group 
1 2 'Structure model' 'Version format compliance' 
2 3 'Structure model' 'Version format compliance' 
3 4 'Structure model' 'Data collection'           
4 5 'Structure model' 'Data collection'           
5 5 'Structure model' 'Database references'       
# 
loop_
_pdbx_audit_revision_category.ordinal 
_pdbx_audit_revision_category.revision_ordinal 
_pdbx_audit_revision_category.data_content_type 
_pdbx_audit_revision_category.category 
1 4 'Structure model' diffrn_detector 
2 5 'Structure model' chem_comp_atom  
3 5 'Structure model' chem_comp_bond  
4 5 'Structure model' database_2      
# 
loop_
_pdbx_audit_revision_item.ordinal 
_pdbx_audit_revision_item.revision_ordinal 
_pdbx_audit_revision_item.data_content_type 
_pdbx_audit_revision_item.item 
1 4 'Structure model' '_diffrn_detector.detector'           
2 5 'Structure model' '_database_2.pdbx_DOI'                
3 5 'Structure model' '_database_2.pdbx_database_accession' 
# 
_pdbx_database_status.status_code                     REL 
_pdbx_database_status.entry_id                        239D 
_pdbx_database_status.recvd_initial_deposition_date   1995-11-02 
_pdbx_database_status.deposit_site                    BNL 
_pdbx_database_status.process_site                    NDB 
_pdbx_database_status.SG_entry                        . 
_pdbx_database_status.pdb_format_compatible           Y 
_pdbx_database_status.status_code_mr                  ? 
_pdbx_database_status.status_code_sf                  ? 
_pdbx_database_status.status_code_cs                  ? 
_pdbx_database_status.methods_development_category    ? 
_pdbx_database_status.status_code_nmr_data            ? 
# 
loop_
_audit_author.name 
_audit_author.pdbx_ordinal 
'Karthe, P.'       1 
'Krishnaswamy, S.' 2 
'Gautham, N.'      3 
# 
_citation.id                        primary 
_citation.title                     'Polymorphism in Left Handed DNA: The Crystal Structure of d(CCCGGG)2' 
_citation.journal_abbrev            'To be Published' 
_citation.journal_volume            ? 
_citation.page_first                ? 
_citation.page_last                 ? 
_citation.year                      1996 
_citation.journal_id_ASTM           ? 
_citation.country                   ? 
_citation.journal_id_ISSN           ? 
_citation.journal_id_CSD            0353 
_citation.book_publisher            ? 
_citation.pdbx_database_id_PubMed   ? 
_citation.pdbx_database_id_DOI      ? 
# 
loop_
_citation_author.citation_id 
_citation_author.name 
_citation_author.ordinal 
_citation_author.identifier_ORCID 
primary 'Karthe, P.'       1 ? 
primary 'Krishnaswamy, S.' 2 ? 
primary 'Gautham, N.'      3 ? 
# 
loop_
_entity.id 
_entity.type 
_entity.src_method 
_entity.pdbx_description 
_entity.formula_weight 
_entity.pdbx_number_of_molecules 
_entity.pdbx_ec 
_entity.pdbx_mutation 
_entity.pdbx_fragment 
_entity.details 
1 polymer syn 
;DNA (5'-D(*CP*CP*CP*GP*GP*G)-3')
;
1810.205 2  ? ? ? ? 
2 water   nat water                              18.015   31 ? ? ? ? 
# 
_entity_poly.entity_id                      1 
_entity_poly.type                           polydeoxyribonucleotide 
_entity_poly.nstd_linkage                   no 
_entity_poly.nstd_monomer                   no 
_entity_poly.pdbx_seq_one_letter_code       '(DC)(DC)(DC)(DG)(DG)(DG)' 
_entity_poly.pdbx_seq_one_letter_code_can   CCCGGG 
_entity_poly.pdbx_strand_id                 A,B 
_entity_poly.pdbx_target_identifier         ? 
# 
_pdbx_entity_nonpoly.entity_id   2 
_pdbx_entity_nonpoly.name        water 
_pdbx_entity_nonpoly.comp_id     HOH 
# 
loop_
_entity_poly_seq.entity_id 
_entity_poly_seq.num 
_entity_poly_seq.mon_id 
_entity_poly_seq.hetero 
1 1 DC n 
1 2 DC n 
1 3 DC n 
1 4 DG n 
1 5 DG n 
1 6 DG n 
# 
loop_
_chem_comp.id 
_chem_comp.type 
_chem_comp.mon_nstd_flag 
_chem_comp.name 
_chem_comp.pdbx_synonyms 
_chem_comp.formula 
_chem_comp.formula_weight 
DC  'DNA linking' y "2'-DEOXYCYTIDINE-5'-MONOPHOSPHATE"  ? 'C9 H14 N3 O7 P'  307.197 
DG  'DNA linking' y "2'-DEOXYGUANOSINE-5'-MONOPHOSPHATE" ? 'C10 H14 N5 O7 P' 347.221 
HOH non-polymer   . WATER                                ? 'H2 O'            18.015  
# 
loop_
_pdbx_poly_seq_scheme.asym_id 
_pdbx_poly_seq_scheme.entity_id 
_pdbx_poly_seq_scheme.seq_id 
_pdbx_poly_seq_scheme.mon_id 
_pdbx_poly_seq_scheme.ndb_seq_num 
_pdbx_poly_seq_scheme.pdb_seq_num 
_pdbx_poly_seq_scheme.auth_seq_num 
_pdbx_poly_seq_scheme.pdb_mon_id 
_pdbx_poly_seq_scheme.auth_mon_id 
_pdbx_poly_seq_scheme.pdb_strand_id 
_pdbx_poly_seq_scheme.pdb_ins_code 
_pdbx_poly_seq_scheme.hetero 
A 1 1 DC 1 1  1  DC C A . n 
A 1 2 DC 2 2  2  DC C A . n 
A 1 3 DC 3 3  3  DC C A . n 
A 1 4 DG 4 4  4  DG G A . n 
A 1 5 DG 5 5  5  DG G A . n 
A 1 6 DG 6 6  6  DG G A . n 
B 1 1 DC 1 7  7  DC C B . n 
B 1 2 DC 2 8  8  DC C B . n 
B 1 3 DC 3 9  9  DC C B . n 
B 1 4 DG 4 10 10 DG G B . n 
B 1 5 DG 5 11 11 DG G B . n 
B 1 6 DG 6 12 12 DG G B . n 
# 
loop_
_pdbx_nonpoly_scheme.asym_id 
_pdbx_nonpoly_scheme.entity_id 
_pdbx_nonpoly_scheme.mon_id 
_pdbx_nonpoly_scheme.ndb_seq_num 
_pdbx_nonpoly_scheme.pdb_seq_num 
_pdbx_nonpoly_scheme.auth_seq_num 
_pdbx_nonpoly_scheme.pdb_mon_id 
_pdbx_nonpoly_scheme.auth_mon_id 
_pdbx_nonpoly_scheme.pdb_strand_id 
_pdbx_nonpoly_scheme.pdb_ins_code 
C 2 HOH 1  13 13 HOH HOH A . 
C 2 HOH 2  15 15 HOH HOH A . 
C 2 HOH 3  16 16 HOH HOH A . 
C 2 HOH 4  17 17 HOH HOH A . 
C 2 HOH 5  18 18 HOH HOH A . 
C 2 HOH 6  22 22 HOH HOH A . 
C 2 HOH 7  23 23 HOH HOH A . 
C 2 HOH 8  25 25 HOH HOH A . 
C 2 HOH 9  26 26 HOH HOH A . 
C 2 HOH 10 28 28 HOH HOH A . 
C 2 HOH 11 29 29 HOH HOH A . 
C 2 HOH 12 30 30 HOH HOH A . 
C 2 HOH 13 31 31 HOH HOH A . 
C 2 HOH 14 32 32 HOH HOH A . 
C 2 HOH 15 33 33 HOH HOH A . 
C 2 HOH 16 35 35 HOH HOH A . 
C 2 HOH 17 36 36 HOH HOH A . 
C 2 HOH 18 43 43 HOH HOH A . 
D 2 HOH 1  14 14 HOH HOH B . 
D 2 HOH 2  19 19 HOH HOH B . 
D 2 HOH 3  20 20 HOH HOH B . 
D 2 HOH 4  21 21 HOH HOH B . 
D 2 HOH 5  24 24 HOH HOH B . 
D 2 HOH 6  27 27 HOH HOH B . 
D 2 HOH 7  34 34 HOH HOH B . 
D 2 HOH 8  37 37 HOH HOH B . 
D 2 HOH 9  38 38 HOH HOH B . 
D 2 HOH 10 39 39 HOH HOH B . 
D 2 HOH 11 40 40 HOH HOH B . 
D 2 HOH 12 41 41 HOH HOH B . 
D 2 HOH 13 42 42 HOH HOH B . 
# 
loop_
_software.name 
_software.classification 
_software.version 
_software.citation_id 
_software.pdbx_ordinal 
X-PLOR refinement . ? 1 
NUCLSQ refinement . ? 2 
# 
_cell.entry_id           239D 
_cell.length_a           17.764 
_cell.length_b           30.925 
_cell.length_c           43.922 
_cell.angle_alpha        90.00 
_cell.angle_beta         90.00 
_cell.angle_gamma        90.00 
_cell.Z_PDB              8 
_cell.pdbx_unique_axis   ? 
# 
_symmetry.entry_id                         239D 
_symmetry.space_group_name_H-M             'P 21 21 21' 
_symmetry.pdbx_full_space_group_name_H-M   ? 
_symmetry.cell_setting                     ? 
_symmetry.Int_Tables_number                19 
# 
_exptl.entry_id          239D 
_exptl.method            'X-RAY DIFFRACTION' 
_exptl.crystals_number   ? 
# 
_exptl_crystal.id                    1 
_exptl_crystal.density_meas          ? 
_exptl_crystal.density_percent_sol   26.18 
_exptl_crystal.density_Matthews      1.67 
_exptl_crystal.description           ? 
# 
_exptl_crystal_grow.crystal_id      1 
_exptl_crystal_grow.method          'VAPOR DIFFUSION, HANGING DROP' 
_exptl_crystal_grow.temp            296.00 
_exptl_crystal_grow.temp_details    ? 
_exptl_crystal_grow.pH              6.98 
_exptl_crystal_grow.pdbx_details    'pH 6.98, VAPOR DIFFUSION, HANGING DROP, temperature 296.00K' 
_exptl_crystal_grow.pdbx_pH_range   ? 
# 
loop_
_exptl_crystal_grow_comp.crystal_id 
_exptl_crystal_grow_comp.id 
_exptl_crystal_grow_comp.sol_id 
_exptl_crystal_grow_comp.name 
_exptl_crystal_grow_comp.volume 
_exptl_crystal_grow_comp.conc 
_exptl_crystal_grow_comp.details 
1 1 1 WATER           ? ? ? 
1 2 1 BACL2           ? ? ? 
1 3 1 SPERMINE        ? ? ? 
1 4 1 'NA CACODYLATE' ? ? ? 
1 5 2 WATER           ? ? ? 
1 6 2 MPD             ? ? ? 
# 
_diffrn.id                     1 
_diffrn.ambient_temp           ? 
_diffrn.ambient_temp_details   ? 
_diffrn.crystal_id             1 
# 
_diffrn_detector.diffrn_id              1 
_diffrn_detector.detector               DIFFRACTOMETER 
_diffrn_detector.type                   'ENRAF-NONIUS CAD4' 
_diffrn_detector.pdbx_collection_date   ? 
_diffrn_detector.details                ? 
# 
_diffrn_radiation.diffrn_id                        1 
_diffrn_radiation.wavelength_id                    1 
_diffrn_radiation.pdbx_monochromatic_or_laue_m_l   M 
_diffrn_radiation.monochromator                    ? 
_diffrn_radiation.pdbx_diffrn_protocol             'SINGLE WAVELENGTH' 
_diffrn_radiation.pdbx_scattering_type             x-ray 
# 
_diffrn_radiation_wavelength.id           1 
_diffrn_radiation_wavelength.wavelength   . 
_diffrn_radiation_wavelength.wt           1.0 
# 
_diffrn_source.diffrn_id                   1 
_diffrn_source.source                      ? 
_diffrn_source.type                        ? 
_diffrn_source.pdbx_synchrotron_site       ? 
_diffrn_source.pdbx_synchrotron_beamline   ? 
_diffrn_source.pdbx_wavelength             ? 
_diffrn_source.pdbx_wavelength_list        ? 
# 
_reflns.entry_id                     239D 
_reflns.observed_criterion_sigma_I   ? 
_reflns.observed_criterion_sigma_F   ? 
_reflns.d_resolution_low             ? 
_reflns.d_resolution_high            ? 
_reflns.number_obs                   1704 
_reflns.number_all                   1727 
_reflns.percent_possible_obs         44.000 
_reflns.pdbx_Rmerge_I_obs            ? 
_reflns.pdbx_Rsym_value              ? 
_reflns.pdbx_netI_over_sigmaI        ? 
_reflns.B_iso_Wilson_estimate        ? 
_reflns.pdbx_redundancy              ? 
_reflns.R_free_details               ? 
_reflns.pdbx_diffrn_id               1 
_reflns.pdbx_ordinal                 1 
# 
_refine.entry_id                                 239D 
_refine.ls_number_reflns_obs                     733 
_refine.ls_number_reflns_all                     ? 
_refine.pdbx_ls_sigma_I                          ? 
_refine.pdbx_ls_sigma_F                          2.000 
_refine.pdbx_data_cutoff_high_absF               ? 
_refine.pdbx_data_cutoff_low_absF                ? 
_refine.pdbx_data_cutoff_high_rms_absF           ? 
_refine.ls_d_res_low                             8.000 
_refine.ls_d_res_high                            2.050 
_refine.ls_percent_reflns_obs                    ? 
_refine.ls_R_factor_obs                          0.2120000 
_refine.ls_R_factor_all                          ? 
_refine.ls_R_factor_R_work                       0.2120000 
_refine.ls_R_factor_R_free                       0.3520000 
_refine.ls_R_factor_R_free_error                 ? 
_refine.ls_R_factor_R_free_error_details         ? 
_refine.ls_percent_reflns_R_free                 ? 
_refine.ls_number_reflns_R_free                  ? 
_refine.ls_number_parameters                     ? 
_refine.ls_number_restraints                     ? 
_refine.occupancy_min                            ? 
_refine.occupancy_max                            ? 
_refine.B_iso_mean                               ? 
_refine.aniso_B[1][1]                            ? 
_refine.aniso_B[2][2]                            ? 
_refine.aniso_B[3][3]                            ? 
_refine.aniso_B[1][2]                            ? 
_refine.aniso_B[1][3]                            ? 
_refine.aniso_B[2][3]                            ? 
_refine.solvent_model_details                    ? 
_refine.solvent_model_param_ksol                 ? 
_refine.solvent_model_param_bsol                 ? 
_refine.pdbx_ls_cross_valid_method               ? 
_refine.details                                  ? 
_refine.pdbx_starting_model                      ? 
_refine.pdbx_method_to_determine_struct          ? 
_refine.pdbx_isotropic_thermal_model             ? 
_refine.pdbx_stereochemistry_target_values       ? 
_refine.pdbx_stereochem_target_val_spec_case     ? 
_refine.pdbx_R_Free_selection_details            ? 
_refine.pdbx_overall_ESU_R                       ? 
_refine.pdbx_overall_ESU_R_Free                  ? 
_refine.overall_SU_ML                            ? 
_refine.overall_SU_B                             ? 
_refine.ls_redundancy_reflns_obs                 ? 
_refine.correlation_coeff_Fo_to_Fc               ? 
_refine.correlation_coeff_Fo_to_Fc_free          ? 
_refine.overall_SU_R_Cruickshank_DPI             ? 
_refine.overall_SU_R_free                        ? 
_refine.pdbx_refine_id                           'X-RAY DIFFRACTION' 
_refine.pdbx_diffrn_id                           1 
_refine.pdbx_TLS_residual_ADP_flag               ? 
_refine.pdbx_solvent_vdw_probe_radii             ? 
_refine.pdbx_solvent_ion_probe_radii             ? 
_refine.pdbx_solvent_shrinkage_radii             ? 
_refine.pdbx_overall_phase_error                 ? 
_refine.pdbx_overall_SU_R_free_Cruickshank_DPI   ? 
_refine.pdbx_overall_SU_R_Blow_DPI               ? 
_refine.pdbx_overall_SU_R_free_Blow_DPI          ? 
# 
_refine_hist.pdbx_refine_id                   'X-RAY DIFFRACTION' 
_refine_hist.cycle_id                         LAST 
_refine_hist.pdbx_number_atoms_protein        0 
_refine_hist.pdbx_number_atoms_nucleic_acid   240 
_refine_hist.pdbx_number_atoms_ligand         0 
_refine_hist.number_atoms_solvent             31 
_refine_hist.number_atoms_total               271 
_refine_hist.d_res_high                       2.050 
_refine_hist.d_res_low                        8.000 
# 
loop_
_refine_ls_restr.type 
_refine_ls_restr.dev_ideal 
_refine_ls_restr.dev_ideal_target 
_refine_ls_restr.weight 
_refine_ls_restr.number 
_refine_ls_restr.pdbx_refine_id 
_refine_ls_restr.pdbx_restraint_function 
x_bond_d                0.030 ? ? ? 'X-RAY DIFFRACTION' ? 
x_bond_d_na             ?     ? ? ? 'X-RAY DIFFRACTION' ? 
x_bond_d_prot           ?     ? ? ? 'X-RAY DIFFRACTION' ? 
x_angle_d               ?     ? ? ? 'X-RAY DIFFRACTION' ? 
x_angle_d_na            ?     ? ? ? 'X-RAY DIFFRACTION' ? 
x_angle_d_prot          ?     ? ? ? 'X-RAY DIFFRACTION' ? 
x_angle_deg             5.70  ? ? ? 'X-RAY DIFFRACTION' ? 
x_angle_deg_na          ?     ? ? ? 'X-RAY DIFFRACTION' ? 
x_angle_deg_prot        ?     ? ? ? 'X-RAY DIFFRACTION' ? 
x_dihedral_angle_d      ?     ? ? ? 'X-RAY DIFFRACTION' ? 
x_dihedral_angle_d_na   ?     ? ? ? 'X-RAY DIFFRACTION' ? 
x_dihedral_angle_d_prot ?     ? ? ? 'X-RAY DIFFRACTION' ? 
x_improper_angle_d      ?     ? ? ? 'X-RAY DIFFRACTION' ? 
x_improper_angle_d_na   ?     ? ? ? 'X-RAY DIFFRACTION' ? 
x_improper_angle_d_prot ?     ? ? ? 'X-RAY DIFFRACTION' ? 
x_mcbond_it             ?     ? ? ? 'X-RAY DIFFRACTION' ? 
x_mcangle_it            ?     ? ? ? 'X-RAY DIFFRACTION' ? 
x_scbond_it             ?     ? ? ? 'X-RAY DIFFRACTION' ? 
x_scangle_it            ?     ? ? ? 'X-RAY DIFFRACTION' ? 
# 
_struct.entry_id                  239D 
_struct.title                     'POLYMORPHISM IN LEFT HANDED DNA: THE CRYSTAL STRUCTURE OF D(CCCGGG)2' 
_struct.pdbx_model_details        ? 
_struct.pdbx_CASP_flag            ? 
_struct.pdbx_model_type_details   ? 
# 
_struct_keywords.entry_id        239D 
_struct_keywords.pdbx_keywords   DNA 
_struct_keywords.text            'Z-DNA, DOUBLE HELIX, MISMATCHED, DNA' 
# 
loop_
_struct_asym.id 
_struct_asym.pdbx_blank_PDB_chainid_flag 
_struct_asym.pdbx_modified 
_struct_asym.entity_id 
_struct_asym.details 
A N N 1 ? 
B N N 1 ? 
C N N 2 ? 
D N N 2 ? 
# 
_struct_ref.id                         1 
_struct_ref.entity_id                  1 
_struct_ref.db_name                    PDB 
_struct_ref.db_code                    239D 
_struct_ref.pdbx_db_accession          239D 
_struct_ref.pdbx_db_isoform            ? 
_struct_ref.pdbx_seq_one_letter_code   ? 
_struct_ref.pdbx_align_begin           ? 
# 
loop_
_struct_ref_seq.align_id 
_struct_ref_seq.ref_id 
_struct_ref_seq.pdbx_PDB_id_code 
_struct_ref_seq.pdbx_strand_id 
_struct_ref_seq.seq_align_beg 
_struct_ref_seq.pdbx_seq_align_beg_ins_code 
_struct_ref_seq.seq_align_end 
_struct_ref_seq.pdbx_seq_align_end_ins_code 
_struct_ref_seq.pdbx_db_accession 
_struct_ref_seq.db_align_beg 
_struct_ref_seq.pdbx_db_align_beg_ins_code 
_struct_ref_seq.db_align_end 
_struct_ref_seq.pdbx_db_align_end_ins_code 
_struct_ref_seq.pdbx_auth_seq_align_beg 
_struct_ref_seq.pdbx_auth_seq_align_end 
1 1 239D A 1 ? 6 ? 239D 1 ? 6  ? 1 6  
2 1 239D B 1 ? 6 ? 239D 7 ? 12 ? 7 12 
# 
_pdbx_struct_assembly.id                   1 
_pdbx_struct_assembly.details              author_defined_assembly 
_pdbx_struct_assembly.method_details       ? 
_pdbx_struct_assembly.oligomeric_details   dimeric 
_pdbx_struct_assembly.oligomeric_count     2 
# 
_pdbx_struct_assembly_gen.assembly_id       1 
_pdbx_struct_assembly_gen.oper_expression   1 
_pdbx_struct_assembly_gen.asym_id_list      A,B,C,D 
# 
_pdbx_struct_oper_list.id                   1 
_pdbx_struct_oper_list.type                 'identity operation' 
_pdbx_struct_oper_list.name                 1_555 
_pdbx_struct_oper_list.symmetry_operation   x,y,z 
_pdbx_struct_oper_list.matrix[1][1]         1.0000000000 
_pdbx_struct_oper_list.matrix[1][2]         0.0000000000 
_pdbx_struct_oper_list.matrix[1][3]         0.0000000000 
_pdbx_struct_oper_list.vector[1]            0.0000000000 
_pdbx_struct_oper_list.matrix[2][1]         0.0000000000 
_pdbx_struct_oper_list.matrix[2][2]         1.0000000000 
_pdbx_struct_oper_list.matrix[2][3]         0.0000000000 
_pdbx_struct_oper_list.vector[2]            0.0000000000 
_pdbx_struct_oper_list.matrix[3][1]         0.0000000000 
_pdbx_struct_oper_list.matrix[3][2]         0.0000000000 
_pdbx_struct_oper_list.matrix[3][3]         1.0000000000 
_pdbx_struct_oper_list.vector[3]            0.0000000000 
# 
_struct_biol.id                    1 
_struct_biol.pdbx_parent_biol_id   ? 
_struct_biol.details               ? 
# 
loop_
_struct_conn.id 
_struct_conn.conn_type_id 
_struct_conn.pdbx_leaving_atom_flag 
_struct_conn.pdbx_PDB_id 
_struct_conn.ptnr1_label_asym_id 
_struct_conn.ptnr1_label_comp_id 
_struct_conn.ptnr1_label_seq_id 
_struct_conn.ptnr1_label_atom_id 
_struct_conn.pdbx_ptnr1_label_alt_id 
_struct_conn.pdbx_ptnr1_PDB_ins_code 
_struct_conn.pdbx_ptnr1_standard_comp_id 
_struct_conn.ptnr1_symmetry 
_struct_conn.ptnr2_label_asym_id 
_struct_conn.ptnr2_label_comp_id 
_struct_conn.ptnr2_label_seq_id 
_struct_conn.ptnr2_label_atom_id 
_struct_conn.pdbx_ptnr2_label_alt_id 
_struct_conn.pdbx_ptnr2_PDB_ins_code 
_struct_conn.ptnr1_auth_asym_id 
_struct_conn.ptnr1_auth_comp_id 
_struct_conn.ptnr1_auth_seq_id 
_struct_conn.ptnr2_auth_asym_id 
_struct_conn.ptnr2_auth_comp_id 
_struct_conn.ptnr2_auth_seq_id 
_struct_conn.ptnr2_symmetry 
_struct_conn.pdbx_ptnr3_label_atom_id 
_struct_conn.pdbx_ptnr3_label_seq_id 
_struct_conn.pdbx_ptnr3_label_comp_id 
_struct_conn.pdbx_ptnr3_label_asym_id 
_struct_conn.pdbx_ptnr3_label_alt_id 
_struct_conn.pdbx_ptnr3_PDB_ins_code 
_struct_conn.details 
_struct_conn.pdbx_dist_value 
_struct_conn.pdbx_value_order 
_struct_conn.pdbx_role 
hydrog1  hydrog ? ? A DC 1 N4 ? ? ? 1_555 B DG 6 O6 ? ? A DC 1 B DG 12 1_555 ? ? ? ? ? ? 'DC-DG PAIR' ? ? ? 
hydrog2  hydrog ? ? A DC 2 N3 ? ? ? 1_555 B DG 5 N1 ? ? A DC 2 B DG 11 1_555 ? ? ? ? ? ? WATSON-CRICK ? ? ? 
hydrog3  hydrog ? ? A DC 2 N4 ? ? ? 1_555 B DG 5 O6 ? ? A DC 2 B DG 11 1_555 ? ? ? ? ? ? WATSON-CRICK ? ? ? 
hydrog4  hydrog ? ? A DC 2 O2 ? ? ? 1_555 B DG 5 N2 ? ? A DC 2 B DG 11 1_555 ? ? ? ? ? ? WATSON-CRICK ? ? ? 
hydrog5  hydrog ? ? A DC 3 N3 ? ? ? 1_555 B DG 4 N1 ? ? A DC 3 B DG 10 1_555 ? ? ? ? ? ? WATSON-CRICK ? ? ? 
hydrog6  hydrog ? ? A DC 3 N4 ? ? ? 1_555 B DG 4 O6 ? ? A DC 3 B DG 10 1_555 ? ? ? ? ? ? WATSON-CRICK ? ? ? 
hydrog7  hydrog ? ? A DC 3 O2 ? ? ? 1_555 B DG 4 N2 ? ? A DC 3 B DG 10 1_555 ? ? ? ? ? ? WATSON-CRICK ? ? ? 
hydrog8  hydrog ? ? A DG 4 N1 ? ? ? 1_555 B DC 3 N3 ? ? A DG 4 B DC 9  1_555 ? ? ? ? ? ? WATSON-CRICK ? ? ? 
hydrog9  hydrog ? ? A DG 4 N2 ? ? ? 1_555 B DC 3 O2 ? ? A DG 4 B DC 9  1_555 ? ? ? ? ? ? WATSON-CRICK ? ? ? 
hydrog10 hydrog ? ? A DG 4 O6 ? ? ? 1_555 B DC 3 N4 ? ? A DG 4 B DC 9  1_555 ? ? ? ? ? ? WATSON-CRICK ? ? ? 
hydrog11 hydrog ? ? A DG 5 N1 ? ? ? 1_555 B DC 2 N3 ? ? A DG 5 B DC 8  1_555 ? ? ? ? ? ? WATSON-CRICK ? ? ? 
hydrog12 hydrog ? ? A DG 5 N2 ? ? ? 1_555 B DC 2 O2 ? ? A DG 5 B DC 8  1_555 ? ? ? ? ? ? WATSON-CRICK ? ? ? 
hydrog13 hydrog ? ? A DG 5 O6 ? ? ? 1_555 B DC 2 N4 ? ? A DG 5 B DC 8  1_555 ? ? ? ? ? ? WATSON-CRICK ? ? ? 
hydrog14 hydrog ? ? A DG 6 N1 ? ? ? 1_555 B DC 1 N3 ? ? A DG 6 B DC 7  1_555 ? ? ? ? ? ? WATSON-CRICK ? ? ? 
hydrog15 hydrog ? ? A DG 6 N2 ? ? ? 1_555 B DC 1 O2 ? ? A DG 6 B DC 7  1_555 ? ? ? ? ? ? WATSON-CRICK ? ? ? 
hydrog16 hydrog ? ? A DG 6 O6 ? ? ? 1_555 B DC 1 N4 ? ? A DG 6 B DC 7  1_555 ? ? ? ? ? ? WATSON-CRICK ? ? ? 
# 
_struct_conn_type.id          hydrog 
_struct_conn_type.criteria    ? 
_struct_conn_type.reference   ? 
# 
loop_
_pdbx_validate_rmsd_bond.id 
_pdbx_validate_rmsd_bond.PDB_model_num 
_pdbx_validate_rmsd_bond.auth_atom_id_1 
_pdbx_validate_rmsd_bond.auth_asym_id_1 
_pdbx_validate_rmsd_bond.auth_comp_id_1 
_pdbx_validate_rmsd_bond.auth_seq_id_1 
_pdbx_validate_rmsd_bond.PDB_ins_code_1 
_pdbx_validate_rmsd_bond.label_alt_id_1 
_pdbx_validate_rmsd_bond.auth_atom_id_2 
_pdbx_validate_rmsd_bond.auth_asym_id_2 
_pdbx_validate_rmsd_bond.auth_comp_id_2 
_pdbx_validate_rmsd_bond.auth_seq_id_2 
_pdbx_validate_rmsd_bond.PDB_ins_code_2 
_pdbx_validate_rmsd_bond.label_alt_id_2 
_pdbx_validate_rmsd_bond.bond_value 
_pdbx_validate_rmsd_bond.bond_target_value 
_pdbx_validate_rmsd_bond.bond_deviation 
_pdbx_validate_rmsd_bond.bond_standard_deviation 
_pdbx_validate_rmsd_bond.linker_flag 
1  1 "C5'" A DC 2  ? ? "C4'" A DC 2  ? ? 1.577 1.512 0.065  0.007 N 
2  1 "C5'" A DG 5  ? ? "C4'" A DG 5  ? ? 1.592 1.512 0.080  0.007 N 
3  1 P     A DG 6  ? ? "O5'" A DG 6  ? ? 1.671 1.593 0.078  0.010 N 
4  1 "C5'" A DG 6  ? ? "C4'" A DG 6  ? ? 1.611 1.512 0.099  0.007 N 
5  1 "C5'" B DC 7  ? ? "C4'" B DC 7  ? ? 1.589 1.512 0.077  0.007 N 
6  1 "C3'" B DC 7  ? ? "C2'" B DC 7  ? ? 1.598 1.518 0.080  0.012 N 
7  1 "O3'" B DC 7  ? ? P     B DC 8  ? ? 1.702 1.607 0.095  0.012 Y 
8  1 "C5'" B DG 10 ? ? "C4'" B DG 10 ? ? 1.555 1.512 0.043  0.007 N 
9  1 "C4'" B DG 11 ? ? "C3'" B DG 11 ? ? 1.451 1.521 -0.070 0.010 N 
10 1 "C2'" B DG 11 ? ? "C1'" B DG 11 ? ? 1.457 1.518 -0.061 0.010 N 
11 1 "O3'" B DG 11 ? ? "C3'" B DG 11 ? ? 1.382 1.419 -0.037 0.006 N 
12 1 C6    B DG 12 ? ? N1    B DG 12 ? ? 1.330 1.391 -0.061 0.007 N 
# 
loop_
_pdbx_validate_rmsd_angle.id 
_pdbx_validate_rmsd_angle.PDB_model_num 
_pdbx_validate_rmsd_angle.auth_atom_id_1 
_pdbx_validate_rmsd_angle.auth_asym_id_1 
_pdbx_validate_rmsd_angle.auth_comp_id_1 
_pdbx_validate_rmsd_angle.auth_seq_id_1 
_pdbx_validate_rmsd_angle.PDB_ins_code_1 
_pdbx_validate_rmsd_angle.label_alt_id_1 
_pdbx_validate_rmsd_angle.auth_atom_id_2 
_pdbx_validate_rmsd_angle.auth_asym_id_2 
_pdbx_validate_rmsd_angle.auth_comp_id_2 
_pdbx_validate_rmsd_angle.auth_seq_id_2 
_pdbx_validate_rmsd_angle.PDB_ins_code_2 
_pdbx_validate_rmsd_angle.label_alt_id_2 
_pdbx_validate_rmsd_angle.auth_atom_id_3 
_pdbx_validate_rmsd_angle.auth_asym_id_3 
_pdbx_validate_rmsd_angle.auth_comp_id_3 
_pdbx_validate_rmsd_angle.auth_seq_id_3 
_pdbx_validate_rmsd_angle.PDB_ins_code_3 
_pdbx_validate_rmsd_angle.label_alt_id_3 
_pdbx_validate_rmsd_angle.angle_value 
_pdbx_validate_rmsd_angle.angle_target_value 
_pdbx_validate_rmsd_angle.angle_deviation 
_pdbx_validate_rmsd_angle.angle_standard_deviation 
_pdbx_validate_rmsd_angle.linker_flag 
1  1 "C1'" A DC 1  ? ? "O4'" A DC 1  ? ? "C4'" A DC 1  ? ? 93.79  110.10 -16.31 1.00 N 
2  1 N1    A DC 1  ? ? "C1'" A DC 1  ? ? "C2'" A DC 1  ? ? 129.00 114.30 14.70  1.40 N 
3  1 "O4'" A DC 1  ? ? "C1'" A DC 1  ? ? N1    A DC 1  ? ? 112.77 108.30 4.47   0.30 N 
4  1 N1    A DC 2  ? ? "C1'" A DC 2  ? ? "C2'" A DC 2  ? ? 125.62 114.30 11.32  1.40 N 
5  1 N1    A DC 2  ? ? C2    A DC 2  ? ? O2    A DC 2  ? ? 126.58 118.90 7.68   0.60 N 
6  1 N3    A DC 2  ? ? C2    A DC 2  ? ? O2    A DC 2  ? ? 114.04 121.90 -7.86  0.70 N 
7  1 C2    A DC 2  ? ? N1    A DC 2  ? ? "C1'" A DC 2  ? ? 126.37 118.80 7.57   1.10 N 
8  1 P     A DC 3  ? ? "O5'" A DC 3  ? ? "C5'" A DC 3  ? ? 133.79 120.90 12.89  1.60 N 
9  1 "O4'" A DC 3  ? ? "C4'" A DC 3  ? ? "C3'" A DC 3  ? ? 101.78 104.50 -2.72  0.40 N 
10 1 N1    A DC 3  ? ? "C1'" A DC 3  ? ? "C2'" A DC 3  ? ? 125.06 114.30 10.76  1.40 N 
11 1 "O4'" A DC 3  ? ? "C1'" A DC 3  ? ? N1    A DC 3  ? ? 114.47 108.30 6.17   0.30 N 
12 1 N1    A DC 3  ? ? C2    A DC 3  ? ? O2    A DC 3  ? ? 122.60 118.90 3.70   0.60 N 
13 1 "C3'" A DC 3  ? ? "O3'" A DC 3  ? ? P     A DG 4  ? ? 127.77 119.70 8.07   1.20 Y 
14 1 "C4'" A DG 4  ? ? "C3'" A DG 4  ? ? "C2'" A DG 4  ? ? 97.62  102.20 -4.58  0.70 N 
15 1 N9    A DG 4  ? ? "C1'" A DG 4  ? ? "C2'" A DG 4  ? ? 125.35 114.30 11.05  1.40 N 
16 1 "O4'" A DG 4  ? ? "C1'" A DG 4  ? ? N9    A DG 4  ? ? 116.11 108.30 7.81   0.30 N 
17 1 C5    A DG 4  ? ? N7    A DG 4  ? ? C8    A DG 4  ? ? 101.11 104.30 -3.19  0.50 N 
18 1 N7    A DG 4  ? ? C8    A DG 4  ? ? N9    A DG 4  ? ? 117.17 113.10 4.07   0.50 N 
19 1 C8    A DG 4  ? ? N9    A DG 4  ? ? C4    A DG 4  ? ? 102.91 106.40 -3.49  0.40 N 
20 1 "O4'" A DG 5  ? ? "C1'" A DG 5  ? ? N9    A DG 5  ? ? 113.39 108.30 5.09   0.30 N 
21 1 "C3'" A DG 5  ? ? "O3'" A DG 5  ? ? P     A DG 6  ? ? 134.58 119.70 14.88  1.20 Y 
22 1 "C5'" B DC 7  ? ? "C4'" B DC 7  ? ? "O4'" B DC 7  ? ? 121.72 109.80 11.92  1.10 N 
23 1 "C3'" B DC 7  ? ? "C2'" B DC 7  ? ? "C1'" B DC 7  ? ? 111.80 102.50 9.30   1.20 N 
24 1 "O4'" B DC 7  ? ? "C1'" B DC 7  ? ? "C2'" B DC 7  ? ? 100.19 105.90 -5.71  0.80 N 
25 1 N1    B DC 7  ? ? "C1'" B DC 7  ? ? "C2'" B DC 7  ? ? 135.41 114.30 21.11  1.40 N 
26 1 "O4'" B DC 7  ? ? "C1'" B DC 7  ? ? N1    B DC 7  ? ? 99.47  108.00 -8.53  0.70 N 
27 1 C6    B DC 7  ? ? N1    B DC 7  ? ? C2    B DC 7  ? ? 117.62 120.30 -2.68  0.40 N 
28 1 C5    B DC 7  ? ? C6    B DC 7  ? ? N1    B DC 7  ? ? 124.51 121.00 3.51   0.50 N 
29 1 N1    B DC 7  ? ? C2    B DC 7  ? ? O2    B DC 7  ? ? 127.07 118.90 8.17   0.60 N 
30 1 N3    B DC 7  ? ? C2    B DC 7  ? ? O2    B DC 7  ? ? 115.68 121.90 -6.22  0.70 N 
31 1 N3    B DC 7  ? ? C4    B DC 7  ? ? N4    B DC 7  ? ? 122.43 118.00 4.43   0.70 N 
32 1 C5    B DC 7  ? ? C4    B DC 7  ? ? N4    B DC 7  ? ? 115.27 120.20 -4.93  0.70 N 
33 1 C2    B DC 7  ? ? N1    B DC 7  ? ? "C1'" B DC 7  ? ? 125.93 118.80 7.13   1.10 N 
34 1 "C1'" B DC 8  ? ? "O4'" B DC 8  ? ? "C4'" B DC 8  ? ? 104.05 110.10 -6.05  1.00 N 
35 1 "C4'" B DC 8  ? ? "C3'" B DC 8  ? ? "C2'" B DC 8  ? ? 97.40  102.20 -4.80  0.70 N 
36 1 "O4'" B DC 8  ? ? "C1'" B DC 8  ? ? N1    B DC 8  ? ? 112.49 108.30 4.19   0.30 N 
37 1 N1    B DC 8  ? ? C2    B DC 8  ? ? O2    B DC 8  ? ? 124.56 118.90 5.66   0.60 N 
38 1 N3    B DC 8  ? ? C2    B DC 8  ? ? O2    B DC 8  ? ? 116.13 121.90 -5.77  0.70 N 
39 1 "O4'" B DC 9  ? ? "C4'" B DC 9  ? ? "C3'" B DC 9  ? ? 109.86 106.00 3.86   0.60 N 
40 1 "C1'" B DC 9  ? ? "O4'" B DC 9  ? ? "C4'" B DC 9  ? ? 102.49 110.10 -7.61  1.00 N 
41 1 "O4'" B DC 9  ? ? "C1'" B DC 9  ? ? N1    B DC 9  ? ? 115.21 108.30 6.91   0.30 N 
42 1 N1    B DC 9  ? ? C2    B DC 9  ? ? O2    B DC 9  ? ? 125.19 118.90 6.29   0.60 N 
43 1 N3    B DC 9  ? ? C2    B DC 9  ? ? O2    B DC 9  ? ? 114.01 121.90 -7.89  0.70 N 
44 1 "O4'" B DG 10 ? ? "C1'" B DG 10 ? ? N9    B DG 10 ? ? 115.77 108.30 7.47   0.30 N 
45 1 "O4'" B DG 11 ? ? "C4'" B DG 11 ? ? "C3'" B DG 11 ? ? 101.56 104.50 -2.94  0.40 N 
46 1 "C5'" B DG 11 ? ? "C4'" B DG 11 ? ? "C3'" B DG 11 ? ? 97.62  114.10 -16.48 1.80 N 
47 1 "C5'" B DG 11 ? ? "C4'" B DG 11 ? ? "O4'" B DG 11 ? ? 121.95 109.80 12.15  1.10 N 
48 1 "O4'" B DG 11 ? ? "C1'" B DG 11 ? ? "C2'" B DG 11 ? ? 100.69 105.90 -5.21  0.80 N 
49 1 "O4'" B DG 11 ? ? "C1'" B DG 11 ? ? N9    B DG 11 ? ? 114.13 108.30 5.83   0.30 N 
50 1 "O3'" B DG 11 ? ? P     B DG 12 ? ? "O5'" B DG 12 ? ? 91.38  104.00 -12.62 1.90 Y 
51 1 "C1'" B DG 12 ? ? "O4'" B DG 12 ? ? "C4'" B DG 12 ? ? 103.86 110.10 -6.24  1.00 N 
52 1 "O4'" B DG 12 ? ? "C1'" B DG 12 ? ? "C2'" B DG 12 ? ? 101.10 105.90 -4.80  0.80 N 
53 1 N1    B DG 12 ? ? C2    B DG 12 ? ? N2    B DG 12 ? ? 110.58 116.20 -5.62  0.90 N 
54 1 N3    B DG 12 ? ? C2    B DG 12 ? ? N2    B DG 12 ? ? 124.22 119.90 4.32   0.70 N 
# 
loop_
_refine_B_iso.class 
_refine_B_iso.details 
_refine_B_iso.treatment 
_refine_B_iso.pdbx_refine_id 
'ALL ATOMS'  TR isotropic 'X-RAY DIFFRACTION' 
'ALL WATERS' TR isotropic 'X-RAY DIFFRACTION' 
# 
loop_
_refine_occupancy.class 
_refine_occupancy.treatment 
_refine_occupancy.pdbx_refine_id 
'ALL ATOMS'  fix 'X-RAY DIFFRACTION' 
'ALL WATERS' fix 'X-RAY DIFFRACTION' 
# 
loop_
_chem_comp_atom.comp_id 
_chem_comp_atom.atom_id 
_chem_comp_atom.type_symbol 
_chem_comp_atom.pdbx_aromatic_flag 
_chem_comp_atom.pdbx_stereo_config 
_chem_comp_atom.pdbx_ordinal 
DC  OP3    O N N 1  
DC  P      P N N 2  
DC  OP1    O N N 3  
DC  OP2    O N N 4  
DC  "O5'"  O N N 5  
DC  "C5'"  C N N 6  
DC  "C4'"  C N R 7  
DC  "O4'"  O N N 8  
DC  "C3'"  C N S 9  
DC  "O3'"  O N N 10 
DC  "C2'"  C N N 11 
DC  "C1'"  C N R 12 
DC  N1     N N N 13 
DC  C2     C N N 14 
DC  O2     O N N 15 
DC  N3     N N N 16 
DC  C4     C N N 17 
DC  N4     N N N 18 
DC  C5     C N N 19 
DC  C6     C N N 20 
DC  HOP3   H N N 21 
DC  HOP2   H N N 22 
DC  "H5'"  H N N 23 
DC  "H5''" H N N 24 
DC  "H4'"  H N N 25 
DC  "H3'"  H N N 26 
DC  "HO3'" H N N 27 
DC  "H2'"  H N N 28 
DC  "H2''" H N N 29 
DC  "H1'"  H N N 30 
DC  H41    H N N 31 
DC  H42    H N N 32 
DC  H5     H N N 33 
DC  H6     H N N 34 
DG  OP3    O N N 35 
DG  P      P N N 36 
DG  OP1    O N N 37 
DG  OP2    O N N 38 
DG  "O5'"  O N N 39 
DG  "C5'"  C N N 40 
DG  "C4'"  C N R 41 
DG  "O4'"  O N N 42 
DG  "C3'"  C N S 43 
DG  "O3'"  O N N 44 
DG  "C2'"  C N N 45 
DG  "C1'"  C N R 46 
DG  N9     N Y N 47 
DG  C8     C Y N 48 
DG  N7     N Y N 49 
DG  C5     C Y N 50 
DG  C6     C N N 51 
DG  O6     O N N 52 
DG  N1     N N N 53 
DG  C2     C N N 54 
DG  N2     N N N 55 
DG  N3     N N N 56 
DG  C4     C Y N 57 
DG  HOP3   H N N 58 
DG  HOP2   H N N 59 
DG  "H5'"  H N N 60 
DG  "H5''" H N N 61 
DG  "H4'"  H N N 62 
DG  "H3'"  H N N 63 
DG  "HO3'" H N N 64 
DG  "H2'"  H N N 65 
DG  "H2''" H N N 66 
DG  "H1'"  H N N 67 
DG  H8     H N N 68 
DG  H1     H N N 69 
DG  H21    H N N 70 
DG  H22    H N N 71 
HOH O      O N N 72 
HOH H1     H N N 73 
HOH H2     H N N 74 
# 
loop_
_chem_comp_bond.comp_id 
_chem_comp_bond.atom_id_1 
_chem_comp_bond.atom_id_2 
_chem_comp_bond.value_order 
_chem_comp_bond.pdbx_aromatic_flag 
_chem_comp_bond.pdbx_stereo_config 
_chem_comp_bond.pdbx_ordinal 
DC  OP3   P      sing N N 1  
DC  OP3   HOP3   sing N N 2  
DC  P     OP1    doub N N 3  
DC  P     OP2    sing N N 4  
DC  P     "O5'"  sing N N 5  
DC  OP2   HOP2   sing N N 6  
DC  "O5'" "C5'"  sing N N 7  
DC  "C5'" "C4'"  sing N N 8  
DC  "C5'" "H5'"  sing N N 9  
DC  "C5'" "H5''" sing N N 10 
DC  "C4'" "O4'"  sing N N 11 
DC  "C4'" "C3'"  sing N N 12 
DC  "C4'" "H4'"  sing N N 13 
DC  "O4'" "C1'"  sing N N 14 
DC  "C3'" "O3'"  sing N N 15 
DC  "C3'" "C2'"  sing N N 16 
DC  "C3'" "H3'"  sing N N 17 
DC  "O3'" "HO3'" sing N N 18 
DC  "C2'" "C1'"  sing N N 19 
DC  "C2'" "H2'"  sing N N 20 
DC  "C2'" "H2''" sing N N 21 
DC  "C1'" N1     sing N N 22 
DC  "C1'" "H1'"  sing N N 23 
DC  N1    C2     sing N N 24 
DC  N1    C6     sing N N 25 
DC  C2    O2     doub N N 26 
DC  C2    N3     sing N N 27 
DC  N3    C4     doub N N 28 
DC  C4    N4     sing N N 29 
DC  C4    C5     sing N N 30 
DC  N4    H41    sing N N 31 
DC  N4    H42    sing N N 32 
DC  C5    C6     doub N N 33 
DC  C5    H5     sing N N 34 
DC  C6    H6     sing N N 35 
DG  OP3   P      sing N N 36 
DG  OP3   HOP3   sing N N 37 
DG  P     OP1    doub N N 38 
DG  P     OP2    sing N N 39 
DG  P     "O5'"  sing N N 40 
DG  OP2   HOP2   sing N N 41 
DG  "O5'" "C5'"  sing N N 42 
DG  "C5'" "C4'"  sing N N 43 
DG  "C5'" "H5'"  sing N N 44 
DG  "C5'" "H5''" sing N N 45 
DG  "C4'" "O4'"  sing N N 46 
DG  "C4'" "C3'"  sing N N 47 
DG  "C4'" "H4'"  sing N N 48 
DG  "O4'" "C1'"  sing N N 49 
DG  "C3'" "O3'"  sing N N 50 
DG  "C3'" "C2'"  sing N N 51 
DG  "C3'" "H3'"  sing N N 52 
DG  "O3'" "HO3'" sing N N 53 
DG  "C2'" "C1'"  sing N N 54 
DG  "C2'" "H2'"  sing N N 55 
DG  "C2'" "H2''" sing N N 56 
DG  "C1'" N9     sing N N 57 
DG  "C1'" "H1'"  sing N N 58 
DG  N9    C8     sing Y N 59 
DG  N9    C4     sing Y N 60 
DG  C8    N7     doub Y N 61 
DG  C8    H8     sing N N 62 
DG  N7    C5     sing Y N 63 
DG  C5    C6     sing N N 64 
DG  C5    C4     doub Y N 65 
DG  C6    O6     doub N N 66 
DG  C6    N1     sing N N 67 
DG  N1    C2     sing N N 68 
DG  N1    H1     sing N N 69 
DG  C2    N2     sing N N 70 
DG  C2    N3     doub N N 71 
DG  N2    H21    sing N N 72 
DG  N2    H22    sing N N 73 
DG  N3    C4     sing N N 74 
HOH O     H1     sing N N 75 
HOH O     H2     sing N N 76 
# 
loop_
_ndb_struct_conf_na.entry_id 
_ndb_struct_conf_na.feature 
239D 'double helix'        
239D 'z-form double helix' 
# 
loop_
_ndb_struct_na_base_pair.model_number 
_ndb_struct_na_base_pair.i_label_asym_id 
_ndb_struct_na_base_pair.i_label_comp_id 
_ndb_struct_na_base_pair.i_label_seq_id 
_ndb_struct_na_base_pair.i_symmetry 
_ndb_struct_na_base_pair.j_label_asym_id 
_ndb_struct_na_base_pair.j_label_comp_id 
_ndb_struct_na_base_pair.j_label_seq_id 
_ndb_struct_na_base_pair.j_symmetry 
_ndb_struct_na_base_pair.shear 
_ndb_struct_na_base_pair.stretch 
_ndb_struct_na_base_pair.stagger 
_ndb_struct_na_base_pair.buckle 
_ndb_struct_na_base_pair.propeller 
_ndb_struct_na_base_pair.opening 
_ndb_struct_na_base_pair.pair_number 
_ndb_struct_na_base_pair.pair_name 
_ndb_struct_na_base_pair.i_auth_asym_id 
_ndb_struct_na_base_pair.i_auth_seq_id 
_ndb_struct_na_base_pair.i_PDB_ins_code 
_ndb_struct_na_base_pair.j_auth_asym_id 
_ndb_struct_na_base_pair.j_auth_seq_id 
_ndb_struct_na_base_pair.j_PDB_ins_code 
_ndb_struct_na_base_pair.hbond_type_28 
_ndb_struct_na_base_pair.hbond_type_12 
1 A DC 1 1_555 B DG 6 1_555 -1.123 3.004  -1.016 -8.557  15.414  -78.451 1 A_DC1:DG12_B A 1 ? B 12 ? ?  ? 
1 A DC 2 1_555 B DG 5 1_555 -1.445 -0.481 -0.383 1.955   -8.189  -2.861  2 A_DC2:DG11_B A 2 ? B 11 ? 19 1 
1 A DC 3 1_555 B DG 4 1_555 -0.222 -0.219 -0.220 0.129   -9.328  3.361   3 A_DC3:DG10_B A 3 ? B 10 ? 19 1 
1 A DG 4 1_555 B DC 3 1_555 1.326  -0.535 -0.262 -7.326  1.545   -1.089  4 A_DG4:DC9_B  A 4 ? B 9  ? 19 1 
1 A DG 5 1_555 B DC 2 1_555 0.410  -0.147 -0.984 -19.563 -6.615  0.781   5 A_DG5:DC8_B  A 5 ? B 8  ? 19 1 
1 A DG 6 1_555 B DC 1 1_555 -0.208 -0.254 0.054  6.313   -10.522 13.296  6 A_DG6:DC7_B  A 6 ? B 7  ? 19 1 
# 
loop_
_ndb_struct_na_base_pair_step.model_number 
_ndb_struct_na_base_pair_step.i_label_asym_id_1 
_ndb_struct_na_base_pair_step.i_label_comp_id_1 
_ndb_struct_na_base_pair_step.i_label_seq_id_1 
_ndb_struct_na_base_pair_step.i_symmetry_1 
_ndb_struct_na_base_pair_step.j_label_asym_id_1 
_ndb_struct_na_base_pair_step.j_label_comp_id_1 
_ndb_struct_na_base_pair_step.j_label_seq_id_1 
_ndb_struct_na_base_pair_step.j_symmetry_1 
_ndb_struct_na_base_pair_step.i_label_asym_id_2 
_ndb_struct_na_base_pair_step.i_label_comp_id_2 
_ndb_struct_na_base_pair_step.i_label_seq_id_2 
_ndb_struct_na_base_pair_step.i_symmetry_2 
_ndb_struct_na_base_pair_step.j_label_asym_id_2 
_ndb_struct_na_base_pair_step.j_label_comp_id_2 
_ndb_struct_na_base_pair_step.j_label_seq_id_2 
_ndb_struct_na_base_pair_step.j_symmetry_2 
_ndb_struct_na_base_pair_step.shift 
_ndb_struct_na_base_pair_step.slide 
_ndb_struct_na_base_pair_step.rise 
_ndb_struct_na_base_pair_step.tilt 
_ndb_struct_na_base_pair_step.roll 
_ndb_struct_na_base_pair_step.twist 
_ndb_struct_na_base_pair_step.x_displacement 
_ndb_struct_na_base_pair_step.y_displacement 
_ndb_struct_na_base_pair_step.helical_rise 
_ndb_struct_na_base_pair_step.inclination 
_ndb_struct_na_base_pair_step.tip 
_ndb_struct_na_base_pair_step.helical_twist 
_ndb_struct_na_base_pair_step.step_number 
_ndb_struct_na_base_pair_step.step_name 
_ndb_struct_na_base_pair_step.i_auth_asym_id_1 
_ndb_struct_na_base_pair_step.i_auth_seq_id_1 
_ndb_struct_na_base_pair_step.i_PDB_ins_code_1 
_ndb_struct_na_base_pair_step.j_auth_asym_id_1 
_ndb_struct_na_base_pair_step.j_auth_seq_id_1 
_ndb_struct_na_base_pair_step.j_PDB_ins_code_1 
_ndb_struct_na_base_pair_step.i_auth_asym_id_2 
_ndb_struct_na_base_pair_step.i_auth_seq_id_2 
_ndb_struct_na_base_pair_step.i_PDB_ins_code_2 
_ndb_struct_na_base_pair_step.j_auth_asym_id_2 
_ndb_struct_na_base_pair_step.j_auth_seq_id_2 
_ndb_struct_na_base_pair_step.j_PDB_ins_code_2 
1 A DC 2 1_555 B DG 5 1_555 A DC 3 1_555 B DG 4 1_555 0.501  -0.866 3.662 -2.717 -1.156 -28.213 2.066   0.320  3.655 2.363   
-5.554  -28.364 1 AA_DC2DC3:DG10DG11_BB A 2 ? B 11 ? A 3 ? B 10 ? 
1 A DC 3 1_555 B DG 4 1_555 A DG 4 1_555 B DC 3 1_555 -0.814 5.099  3.540 1.170  -3.320 -24.879 -10.560 -1.462 4.206 7.656   2.699 
-25.123 2 AA_DC3DG4:DC9DG10_BB  A 3 ? B 10 ? A 4 ? B 9  ? 
1 A DG 4 1_555 B DC 3 1_555 A DG 5 1_555 B DC 2 1_555 0.452  0.614  3.899 3.101  -2.571 -36.842 -0.555  1.206  3.882 4.053   4.888 
-37.054 3 AA_DG4DG5:DC8DC9_BB   A 4 ? B 9  ? A 5 ? B 8  ? 
1 A DG 5 1_555 B DC 2 1_555 A DG 6 1_555 B DC 1 1_555 2.309  3.348  2.779 -9.151 3.312  -4.377  -23.755 -3.474 2.082 -22.410 
-61.912 -10.669 4 AA_DG5DG6:DC7DC8_BB   A 5 ? B 8  ? A 6 ? B 7  ? 
# 
_atom_sites.entry_id                    239D 
_atom_sites.fract_transf_matrix[1][1]   -0.05362931 
_atom_sites.fract_transf_matrix[1][2]   -0.01668312 
_atom_sites.fract_transf_matrix[1][3]   0.00381900 
_atom_sites.fract_transf_matrix[2][1]   -0.00380590 
_atom_sites.fract_transf_matrix[2][2]   0.00497232 
_atom_sites.fract_transf_matrix[2][3]   -0.03172393 
_atom_sites.fract_transf_matrix[3][1]   0.00638223 
_atom_sites.fract_transf_matrix[3][2]   -0.02146151 
_atom_sites.fract_transf_matrix[3][3]   -0.00412949 
_atom_sites.fract_transf_vector[1]      0.276193 
_atom_sites.fract_transf_vector[2]      0.424733 
_atom_sites.fract_transf_vector[3]      0.209504 
# 
loop_
_atom_type.symbol 
C 
N 
O 
P 
# 
loop_
_atom_site.group_PDB 
_atom_site.id 
_atom_site.type_symbol 
_atom_site.label_atom_id 
_atom_site.label_alt_id 
_atom_site.label_comp_id 
_atom_site.label_asym_id 
_atom_site.label_entity_id 
_atom_site.label_seq_id 
_atom_site.pdbx_PDB_ins_code 
_atom_site.Cartn_x 
_atom_site.Cartn_y 
_atom_site.Cartn_z 
_atom_site.occupancy 
_atom_site.B_iso_or_equiv 
_atom_site.pdbx_formal_charge 
_atom_site.auth_seq_id 
_atom_site.auth_comp_id 
_atom_site.auth_asym_id 
_atom_site.auth_atom_id 
_atom_site.pdbx_PDB_model_num 
ATOM   1   O "O5'" . DC  A 1 1 ? 4.555  -6.598  -6.545 1.00 11.12 ? 1  DC  A "O5'" 1 
ATOM   2   C "C5'" . DC  A 1 1 ? 4.941  -7.175  -5.300 1.00 12.61 ? 1  DC  A "C5'" 1 
ATOM   3   C "C4'" . DC  A 1 1 ? 3.640  -7.380  -4.549 1.00 17.88 ? 1  DC  A "C4'" 1 
ATOM   4   O "O4'" . DC  A 1 1 ? 2.751  -8.278  -5.226 1.00 21.73 ? 1  DC  A "O4'" 1 
ATOM   5   C "C3'" . DC  A 1 1 ? 3.662  -7.807  -3.071 1.00 12.73 ? 1  DC  A "C3'" 1 
ATOM   6   O "O3'" . DC  A 1 1 ? 4.020  -6.726  -2.254 1.00 22.34 ? 1  DC  A "O3'" 1 
ATOM   7   C "C2'" . DC  A 1 1 ? 2.224  -8.229  -2.883 1.00 11.37 ? 1  DC  A "C2'" 1 
ATOM   8   C "C1'" . DC  A 1 1 ? 1.674  -8.034  -4.334 1.00 13.32 ? 1  DC  A "C1'" 1 
ATOM   9   N N1    . DC  A 1 1 ? 0.357  -8.434  -4.898 1.00 7.22  ? 1  DC  A N1    1 
ATOM   10  C C2    . DC  A 1 1 ? -0.685 -8.905  -4.111 1.00 7.09  ? 1  DC  A C2    1 
ATOM   11  O O2    . DC  A 1 1 ? -0.574 -9.038  -2.904 1.00 5.55  ? 1  DC  A O2    1 
ATOM   12  N N3    . DC  A 1 1 ? -1.860 -9.232  -4.703 1.00 7.44  ? 1  DC  A N3    1 
ATOM   13  C C4    . DC  A 1 1 ? -2.019 -9.091  -6.023 1.00 11.89 ? 1  DC  A C4    1 
ATOM   14  N N4    . DC  A 1 1 ? -3.180 -9.417  -6.610 1.00 13.99 ? 1  DC  A N4    1 
ATOM   15  C C5    . DC  A 1 1 ? -0.945 -8.601  -6.841 1.00 15.72 ? 1  DC  A C5    1 
ATOM   16  C C6    . DC  A 1 1 ? 0.208  -8.282  -6.233 1.00 3.65  ? 1  DC  A C6    1 
ATOM   17  P P     . DC  A 1 2 ? 5.085  -6.854  -1.055 1.00 33.02 ? 2  DC  A P     1 
ATOM   18  O OP1   . DC  A 1 2 ? 4.972  -8.217  -0.534 1.00 26.58 ? 2  DC  A OP1   1 
ATOM   19  O OP2   . DC  A 1 2 ? 4.866  -5.711  -0.139 1.00 34.19 ? 2  DC  A OP2   1 
ATOM   20  O "O5'" . DC  A 1 2 ? 6.545  -6.735  -1.764 1.00 21.58 ? 2  DC  A "O5'" 1 
ATOM   21  C "C5'" . DC  A 1 2 ? 6.936  -5.590  -2.533 1.00 19.19 ? 2  DC  A "C5'" 1 
ATOM   22  C "C4'" . DC  A 1 2 ? 7.908  -4.489  -1.957 1.00 27.81 ? 2  DC  A "C4'" 1 
ATOM   23  O "O4'" . DC  A 1 2 ? 8.047  -3.439  -2.966 1.00 11.24 ? 2  DC  A "O4'" 1 
ATOM   24  C "C3'" . DC  A 1 2 ? 7.396  -3.758  -0.716 1.00 31.13 ? 2  DC  A "C3'" 1 
ATOM   25  O "O3'" . DC  A 1 2 ? 8.399  -3.328  0.228  1.00 41.26 ? 2  DC  A "O3'" 1 
ATOM   26  C "C2'" . DC  A 1 2 ? 6.687  -2.586  -1.336 1.00 18.70 ? 2  DC  A "C2'" 1 
ATOM   27  C "C1'" . DC  A 1 2 ? 6.938  -2.607  -2.828 1.00 10.35 ? 2  DC  A "C1'" 1 
ATOM   28  N N1    . DC  A 1 2 ? 5.913  -2.949  -3.891 1.00 8.74  ? 2  DC  A N1    1 
ATOM   29  C C2    . DC  A 1 2 ? 4.640  -3.504  -3.674 1.00 2.12  ? 2  DC  A C2    1 
ATOM   30  O O2    . DC  A 1 2 ? 4.143  -3.781  -2.595 1.00 10.84 ? 2  DC  A O2    1 
ATOM   31  N N3    . DC  A 1 2 ? 3.832  -3.751  -4.734 1.00 7.92  ? 2  DC  A N3    1 
ATOM   32  C C4    . DC  A 1 2 ? 4.223  -3.491  -5.964 1.00 9.31  ? 2  DC  A C4    1 
ATOM   33  N N4    . DC  A 1 2 ? 3.360  -3.773  -6.917 1.00 24.06 ? 2  DC  A N4    1 
ATOM   34  C C5    . DC  A 1 2 ? 5.502  -2.931  -6.243 1.00 2.00  ? 2  DC  A C5    1 
ATOM   35  C C6    . DC  A 1 2 ? 6.313  -2.687  -5.194 1.00 10.32 ? 2  DC  A C6    1 
ATOM   36  P P     . DC  A 1 3 ? 8.031  -3.508  1.800  1.00 49.29 ? 3  DC  A P     1 
ATOM   37  O OP1   . DC  A 1 3 ? 9.213  -3.218  2.628  1.00 42.41 ? 3  DC  A OP1   1 
ATOM   38  O OP2   . DC  A 1 3 ? 7.343  -4.812  1.944  1.00 50.59 ? 3  DC  A OP2   1 
ATOM   39  O "O5'" . DC  A 1 3 ? 6.923  -2.438  2.230  1.00 45.82 ? 3  DC  A "O5'" 1 
ATOM   40  C "C5'" . DC  A 1 3 ? 6.968  -1.029  2.578  1.00 25.69 ? 3  DC  A "C5'" 1 
ATOM   41  C "C4'" . DC  A 1 3 ? 5.584  -0.456  2.280  1.00 18.89 ? 3  DC  A "C4'" 1 
ATOM   42  O "O4'" . DC  A 1 3 ? 5.281  -0.386  0.890  1.00 10.69 ? 3  DC  A "O4'" 1 
ATOM   43  C "C3'" . DC  A 1 3 ? 4.532  -1.447  2.780  1.00 20.93 ? 3  DC  A "C3'" 1 
ATOM   44  O "O3'" . DC  A 1 3 ? 4.372  -1.281  4.187  1.00 15.94 ? 3  DC  A "O3'" 1 
ATOM   45  C "C2'" . DC  A 1 3 ? 3.330  -1.349  1.868  1.00 8.73  ? 3  DC  A "C2'" 1 
ATOM   46  C "C1'" . DC  A 1 3 ? 3.839  -0.530  0.747  1.00 2.00  ? 3  DC  A "C1'" 1 
ATOM   47  N N1    . DC  A 1 3 ? 3.357  -0.622  -0.685 1.00 3.21  ? 3  DC  A N1    1 
ATOM   48  C C2    . DC  A 1 3 ? 2.053  -0.980  -1.032 1.00 16.25 ? 3  DC  A C2    1 
ATOM   49  O O2    . DC  A 1 3 ? 1.200  -1.274  -0.194 1.00 16.32 ? 3  DC  A O2    1 
ATOM   50  N N3    . DC  A 1 3 ? 1.719  -0.999  -2.373 1.00 2.00  ? 3  DC  A N3    1 
ATOM   51  C C4    . DC  A 1 3 ? 2.611  -0.682  -3.316 1.00 7.20  ? 3  DC  A C4    1 
ATOM   52  N N4    . DC  A 1 3 ? 2.238  -0.728  -4.577 1.00 5.84  ? 3  DC  A N4    1 
ATOM   53  C C5    . DC  A 1 3 ? 3.935  -0.299  -2.996 1.00 2.00  ? 3  DC  A C5    1 
ATOM   54  C C6    . DC  A 1 3 ? 4.248  -0.285  -1.685 1.00 5.58  ? 3  DC  A C6    1 
ATOM   55  P P     . DG  A 1 4 ? 3.251  -1.930  5.131  1.00 27.23 ? 4  DG  A P     1 
ATOM   56  O OP1   . DG  A 1 4 ? 3.428  -3.397  5.154  1.00 27.58 ? 4  DG  A OP1   1 
ATOM   57  O OP2   . DG  A 1 4 ? 1.933  -1.336  4.799  1.00 23.18 ? 4  DG  A OP2   1 
ATOM   58  O "O5'" . DG  A 1 4 ? 3.664  -1.387  6.620  1.00 37.82 ? 4  DG  A "O5'" 1 
ATOM   59  C "C5'" . DG  A 1 4 ? 3.317  -0.058  7.125  1.00 36.88 ? 4  DG  A "C5'" 1 
ATOM   60  C "C4'" . DG  A 1 4 ? 4.398  1.034   7.040  1.00 27.49 ? 4  DG  A "C4'" 1 
ATOM   61  O "O4'" . DG  A 1 4 ? 4.897  1.223   5.695  1.00 20.99 ? 4  DG  A "O4'" 1 
ATOM   62  C "C3'" . DG  A 1 4 ? 3.713  2.335   7.427  1.00 27.99 ? 4  DG  A "C3'" 1 
ATOM   63  O "O3'" . DG  A 1 4 ? 4.583  3.351   8.027  1.00 28.08 ? 4  DG  A "O3'" 1 
ATOM   64  C "C2'" . DG  A 1 4 ? 3.256  2.740   6.045  1.00 18.00 ? 4  DG  A "C2'" 1 
ATOM   65  C "C1'" . DG  A 1 4 ? 4.468  2.511   5.239  1.00 19.66 ? 4  DG  A "C1'" 1 
ATOM   66  N N9    . DG  A 1 4 ? 4.591  2.763   3.779  1.00 6.07  ? 4  DG  A N9    1 
ATOM   67  C C8    . DG  A 1 4 ? 5.761  3.172   3.171  1.00 19.90 ? 4  DG  A C8    1 
ATOM   68  N N7    . DG  A 1 4 ? 5.733  3.339   1.873  1.00 8.96  ? 4  DG  A N7    1 
ATOM   69  C C5    . DG  A 1 4 ? 4.426  3.009   1.591  1.00 2.00  ? 4  DG  A C5    1 
ATOM   70  C C6    . DG  A 1 4 ? 3.814  3.018   0.360  1.00 2.00  ? 4  DG  A C6    1 
ATOM   71  O O6    . DG  A 1 4 ? 4.342  3.326   -0.720 1.00 7.57  ? 4  DG  A O6    1 
ATOM   72  N N1    . DG  A 1 4 ? 2.480  2.632   0.447  1.00 2.00  ? 4  DG  A N1    1 
ATOM   73  C C2    . DG  A 1 4 ? 1.831  2.285   1.611  1.00 11.24 ? 4  DG  A C2    1 
ATOM   74  N N2    . DG  A 1 4 ? 0.567  1.937   1.538  1.00 2.00  ? 4  DG  A N2    1 
ATOM   75  N N3    . DG  A 1 4 ? 2.414  2.291   2.794  1.00 11.06 ? 4  DG  A N3    1 
ATOM   76  C C4    . DG  A 1 4 ? 3.713  2.655   2.718  1.00 7.21  ? 4  DG  A C4    1 
ATOM   77  P P     . DG  A 1 5 ? 3.992  4.491   9.055  1.00 26.92 ? 5  DG  A P     1 
ATOM   78  O OP1   . DG  A 1 5 ? 4.951  5.614   9.012  1.00 11.23 ? 5  DG  A OP1   1 
ATOM   79  O OP2   . DG  A 1 5 ? 3.638  3.912   10.356 1.00 12.81 ? 5  DG  A OP2   1 
ATOM   80  O "O5'" . DG  A 1 5 ? 2.564  4.931   8.369  1.00 20.59 ? 5  DG  A "O5'" 1 
ATOM   81  C "C5'" . DG  A 1 5 ? 1.259  4.561   8.924  1.00 20.53 ? 5  DG  A "C5'" 1 
ATOM   82  C "C4'" . DG  A 1 5 ? -0.041 4.594   8.005  1.00 19.62 ? 5  DG  A "C4'" 1 
ATOM   83  O "O4'" . DG  A 1 5 ? 0.044  5.541   6.941  1.00 13.48 ? 5  DG  A "O4'" 1 
ATOM   84  C "C3'" . DG  A 1 5 ? -0.571 3.292   7.363  1.00 25.76 ? 5  DG  A "C3'" 1 
ATOM   85  O "O3'" . DG  A 1 5 ? -1.997 3.313   7.591  1.00 36.62 ? 5  DG  A "O3'" 1 
ATOM   86  C "C2'" . DG  A 1 5 ? -0.123 3.374   5.910  1.00 26.15 ? 5  DG  A "C2'" 1 
ATOM   87  C "C1'" . DG  A 1 5 ? -0.027 4.855   5.648  1.00 27.03 ? 5  DG  A "C1'" 1 
ATOM   88  N N9    . DG  A 1 5 ? 1.066  5.256   4.701  1.00 20.85 ? 5  DG  A N9    1 
ATOM   89  C C8    . DG  A 1 5 ? 2.385  5.506   4.950  1.00 23.61 ? 5  DG  A C8    1 
ATOM   90  N N7    . DG  A 1 5 ? 3.109  5.833   3.915  1.00 16.06 ? 5  DG  A N7    1 
ATOM   91  C C5    . DG  A 1 5 ? 2.178  5.828   2.888  1.00 16.00 ? 5  DG  A C5    1 
ATOM   92  C C6    . DG  A 1 5 ? 2.368  6.115   1.517  1.00 13.96 ? 5  DG  A C6    1 
ATOM   93  O O6    . DG  A 1 5 ? 3.403  6.447   0.957  1.00 12.09 ? 5  DG  A O6    1 
ATOM   94  N N1    . DG  A 1 5 ? 1.191  5.981   0.809  1.00 11.67 ? 5  DG  A N1    1 
ATOM   95  C C2    . DG  A 1 5 ? -0.020 5.618   1.379  1.00 20.29 ? 5  DG  A C2    1 
ATOM   96  N N2    . DG  A 1 5 ? -1.062 5.535   0.589  1.00 19.75 ? 5  DG  A N2    1 
ATOM   97  N N3    . DG  A 1 5 ? -0.218 5.350   2.660  1.00 17.27 ? 5  DG  A N3    1 
ATOM   98  C C4    . DG  A 1 5 ? 0.930  5.473   3.358  1.00 22.10 ? 5  DG  A C4    1 
ATOM   99  P P     . DG  A 1 6 ? -3.325 2.955   6.673  1.00 42.77 ? 6  DG  A P     1 
ATOM   100 O OP1   . DG  A 1 6 ? -3.568 1.488   6.733  1.00 42.27 ? 6  DG  A OP1   1 
ATOM   101 O OP2   . DG  A 1 6 ? -3.256 3.612   5.329  1.00 34.90 ? 6  DG  A OP2   1 
ATOM   102 O "O5'" . DG  A 1 6 ? -4.437 3.722   7.657  1.00 32.94 ? 6  DG  A "O5'" 1 
ATOM   103 C "C5'" . DG  A 1 6 ? -4.529 5.166   7.996  1.00 38.88 ? 6  DG  A "C5'" 1 
ATOM   104 C "C4'" . DG  A 1 6 ? -3.987 5.672   9.426  1.00 31.60 ? 6  DG  A "C4'" 1 
ATOM   105 O "O4'" . DG  A 1 6 ? -2.567 6.039   9.449  1.00 32.96 ? 6  DG  A "O4'" 1 
ATOM   106 C "C3'" . DG  A 1 6 ? -4.665 6.951   9.940  1.00 22.88 ? 6  DG  A "C3'" 1 
ATOM   107 O "O3'" . DG  A 1 6 ? -4.437 7.211   11.341 1.00 4.34  ? 6  DG  A "O3'" 1 
ATOM   108 C "C2'" . DG  A 1 6 ? -3.844 7.963   9.218  1.00 27.47 ? 6  DG  A "C2'" 1 
ATOM   109 C "C1'" . DG  A 1 6 ? -2.431 7.467   9.426  1.00 18.44 ? 6  DG  A "C1'" 1 
ATOM   110 N N9    . DG  A 1 6 ? -1.469 7.839   8.379  1.00 21.10 ? 6  DG  A N9    1 
ATOM   111 C C8    . DG  A 1 6 ? -0.166 8.139   8.594  1.00 11.31 ? 6  DG  A C8    1 
ATOM   112 N N7    . DG  A 1 6 ? 0.497  8.426   7.516  1.00 19.07 ? 6  DG  A N7    1 
ATOM   113 C C5    . DG  A 1 6 ? -0.453 8.315   6.506  1.00 8.21  ? 6  DG  A C5    1 
ATOM   114 C C6    . DG  A 1 6 ? -0.311 8.507   5.120  1.00 2.00  ? 6  DG  A C6    1 
ATOM   115 O O6    . DG  A 1 6 ? 0.697  8.819   4.499  1.00 2.00  ? 6  DG  A O6    1 
ATOM   116 N N1    . DG  A 1 6 ? -1.482 8.303   4.443  1.00 2.00  ? 6  DG  A N1    1 
ATOM   117 C C2    . DG  A 1 6 ? -2.654 7.940   5.031  1.00 7.52  ? 6  DG  A C2    1 
ATOM   118 N N2    . DG  A 1 6 ? -3.674 7.783   4.218  1.00 10.77 ? 6  DG  A N2    1 
ATOM   119 N N3    . DG  A 1 6 ? -2.810 7.745   6.334  1.00 9.33  ? 6  DG  A N3    1 
ATOM   120 C C4    . DG  A 1 6 ? -1.665 7.950   7.014  1.00 7.20  ? 6  DG  A C4    1 
ATOM   121 O "O5'" . DC  B 1 1 ? -0.394 11.091  -5.120 1.00 22.41 ? 7  DC  B "O5'" 1 
ATOM   122 C "C5'" . DC  B 1 1 ? -1.197 10.862  -3.912 1.00 17.97 ? 7  DC  B "C5'" 1 
ATOM   123 C "C4'" . DC  B 1 1 ? -2.158 9.598   -3.938 1.00 12.96 ? 7  DC  B "C4'" 1 
ATOM   124 O "O4'" . DC  B 1 1 ? -2.133 8.574   -2.860 1.00 10.10 ? 7  DC  B "O4'" 1 
ATOM   125 C "C3'" . DC  B 1 1 ? -3.550 10.139  -4.055 1.00 14.44 ? 7  DC  B "C3'" 1 
ATOM   126 O "O3'" . DC  B 1 1 ? -4.168 9.749   -5.360 1.00 9.49  ? 7  DC  B "O3'" 1 
ATOM   127 C "C2'" . DC  B 1 1 ? -4.100 9.747   -2.607 1.00 14.41 ? 7  DC  B "C2'" 1 
ATOM   128 C "C1'" . DC  B 1 1 ? -3.087 8.840   -1.824 1.00 12.71 ? 7  DC  B "C1'" 1 
ATOM   129 N N1    . DC  B 1 1 ? -2.115 9.043   -0.625 1.00 22.68 ? 7  DC  B N1    1 
ATOM   130 C C2    . DC  B 1 1 ? -2.334 8.598   0.721  1.00 19.11 ? 7  DC  B C2    1 
ATOM   131 O O2    . DC  B 1 1 ? -3.336 8.034   1.163  1.00 10.88 ? 7  DC  B O2    1 
ATOM   132 N N3    . DC  B 1 1 ? -1.340 8.827   1.624  1.00 21.21 ? 7  DC  B N3    1 
ATOM   133 C C4    . DC  B 1 1 ? -0.209 9.437   1.291  1.00 23.34 ? 7  DC  B C4    1 
ATOM   134 N N4    . DC  B 1 1 ? 0.742  9.662   2.151  1.00 13.58 ? 7  DC  B N4    1 
ATOM   135 C C5    . DC  B 1 1 ? 0.047  9.875   -0.007 1.00 26.49 ? 7  DC  B C5    1 
ATOM   136 C C6    . DC  B 1 1 ? -0.920 9.649   -0.907 1.00 29.66 ? 7  DC  B C6    1 
ATOM   137 P P     . DC  B 1 2 ? -3.366 9.824   -6.859 1.00 15.23 ? 8  DC  B P     1 
ATOM   138 O OP1   . DC  B 1 2 ? -2.349 10.883  -6.863 1.00 15.64 ? 8  DC  B OP1   1 
ATOM   139 O OP2   . DC  B 1 2 ? -4.340 9.788   -7.980 1.00 10.71 ? 8  DC  B OP2   1 
ATOM   140 O "O5'" . DC  B 1 2 ? -2.466 8.529   -6.896 1.00 29.28 ? 8  DC  B "O5'" 1 
ATOM   141 C "C5'" . DC  B 1 2 ? -2.868 7.194   -7.215 1.00 34.09 ? 8  DC  B "C5'" 1 
ATOM   142 C "C4'" . DC  B 1 2 ? -2.170 6.104   -6.382 1.00 31.68 ? 8  DC  B "C4'" 1 
ATOM   143 O "O4'" . DC  B 1 2 ? -0.772 6.391   -6.095 1.00 32.95 ? 8  DC  B "O4'" 1 
ATOM   144 C "C3'" . DC  B 1 2 ? -2.869 5.825   -5.043 1.00 33.39 ? 8  DC  B "C3'" 1 
ATOM   145 O "O3'" . DC  B 1 2 ? -4.064 5.021   -5.158 1.00 37.82 ? 8  DC  B "O3'" 1 
ATOM   146 C "C2'" . DC  B 1 2 ? -1.778 5.027   -4.419 1.00 29.52 ? 8  DC  B "C2'" 1 
ATOM   147 C "C1'" . DC  B 1 2 ? -0.459 5.528   -5.007 1.00 28.95 ? 8  DC  B "C1'" 1 
ATOM   148 N N1    . DC  B 1 2 ? 0.624  6.075   -4.140 1.00 19.72 ? 8  DC  B N1    1 
ATOM   149 C C2    . DC  B 1 2 ? 0.472  6.259   -2.762 1.00 16.76 ? 8  DC  B C2    1 
ATOM   150 O O2    . DC  B 1 2 ? -0.541 5.991   -2.135 1.00 9.41  ? 8  DC  B O2    1 
ATOM   151 N N3    . DC  B 1 2 ? 1.501  6.753   -2.046 1.00 10.12 ? 8  DC  B N3    1 
ATOM   152 C C4    . DC  B 1 2 ? 2.634  7.075   -2.645 1.00 14.19 ? 8  DC  B C4    1 
ATOM   153 N N4    . DC  B 1 2 ? 3.592  7.557   -1.877 1.00 16.18 ? 8  DC  B N4    1 
ATOM   154 C C5    . DC  B 1 2 ? 2.829  6.913   -4.043 1.00 13.71 ? 8  DC  B C5    1 
ATOM   155 C C6    . DC  B 1 2 ? 1.795  6.404   -4.742 1.00 18.69 ? 8  DC  B C6    1 
ATOM   156 P P     . DC  B 1 3 ? -5.101 4.834   -3.925 1.00 42.49 ? 9  DC  B P     1 
ATOM   157 O OP1   . DC  B 1 3 ? -6.332 5.612   -4.203 1.00 38.46 ? 9  DC  B OP1   1 
ATOM   158 O OP2   . DC  B 1 3 ? -4.377 5.047   -2.651 1.00 38.10 ? 9  DC  B OP2   1 
ATOM   159 O "O5'" . DC  B 1 3 ? -5.521 3.272   -4.081 1.00 36.73 ? 9  DC  B "O5'" 1 
ATOM   160 C "C5'" . DC  B 1 3 ? -4.818 2.189   -4.727 1.00 18.16 ? 9  DC  B "C5'" 1 
ATOM   161 C "C4'" . DC  B 1 3 ? -3.633 1.623   -3.977 1.00 18.13 ? 9  DC  B "C4'" 1 
ATOM   162 O "O4'" . DC  B 1 3 ? -2.367 2.095   -4.424 1.00 10.21 ? 9  DC  B "O4'" 1 
ATOM   163 C "C3'" . DC  B 1 3 ? -3.735 1.765   -2.448 1.00 10.27 ? 9  DC  B "C3'" 1 
ATOM   164 O "O3'" . DC  B 1 3 ? -4.211 0.630   -1.699 1.00 15.98 ? 9  DC  B "O3'" 1 
ATOM   165 C "C2'" . DC  B 1 3 ? -2.309 1.999   -2.119 1.00 7.48  ? 9  DC  B "C2'" 1 
ATOM   166 C "C1'" . DC  B 1 3 ? -1.497 1.682   -3.376 1.00 13.56 ? 9  DC  B "C1'" 1 
ATOM   167 N N1    . DC  B 1 3 ? -0.066 2.189   -3.484 1.00 17.54 ? 9  DC  B N1    1 
ATOM   168 C C2    . DC  B 1 3 ? 0.708  2.432   -2.344 1.00 16.16 ? 9  DC  B C2    1 
ATOM   169 O O2    . DC  B 1 3 ? 0.335  2.273   -1.196 1.00 22.33 ? 9  DC  B O2    1 
ATOM   170 N N3    . DC  B 1 3 ? 1.971  2.871   -2.452 1.00 17.49 ? 9  DC  B N3    1 
ATOM   171 C C4    . DC  B 1 3 ? 2.516  3.091   -3.627 1.00 12.79 ? 9  DC  B C4    1 
ATOM   172 N N4    . DC  B 1 3 ? 3.767  3.524   -3.609 1.00 8.60  ? 9  DC  B N4    1 
ATOM   173 C C5    . DC  B 1 3 ? 1.775  2.853   -4.840 1.00 15.14 ? 9  DC  B C5    1 
ATOM   174 C C6    . DC  B 1 3 ? 0.499  2.398   -4.717 1.00 16.45 ? 9  DC  B C6    1 
ATOM   175 P P     . DG  B 1 4 ? -5.361 0.652   -0.533 1.00 38.39 ? 10 DG  B P     1 
ATOM   176 O OP1   . DG  B 1 4 ? -5.570 2.045   -0.078 1.00 40.89 ? 10 DG  B OP1   1 
ATOM   177 O OP2   . DG  B 1 4 ? -4.979 -0.338  0.508  1.00 39.86 ? 10 DG  B OP2   1 
ATOM   178 O "O5'" . DG  B 1 4 ? -6.756 0.201   -1.269 1.00 22.88 ? 10 DG  B "O5'" 1 
ATOM   179 C "C5'" . DG  B 1 4 ? -6.678 -0.633  -2.427 1.00 36.48 ? 10 DG  B "C5'" 1 
ATOM   180 C "C4'" . DG  B 1 4 ? -7.400 -2.010  -2.392 1.00 37.70 ? 10 DG  B "C4'" 1 
ATOM   181 O "O4'" . DG  B 1 4 ? -7.113 -2.666  -3.652 1.00 42.62 ? 10 DG  B "O4'" 1 
ATOM   182 C "C3'" . DG  B 1 4 ? -6.918 -2.965  -1.310 1.00 35.61 ? 10 DG  B "C3'" 1 
ATOM   183 O "O3'" . DG  B 1 4 ? -7.927 -3.839  -0.724 1.00 37.79 ? 10 DG  B "O3'" 1 
ATOM   184 C "C2'" . DG  B 1 4 ? -5.836 -3.745  -2.004 1.00 35.05 ? 10 DG  B "C2'" 1 
ATOM   185 C "C1'" . DG  B 1 4 ? -5.889 -3.385  -3.470 1.00 35.51 ? 10 DG  B "C1'" 1 
ATOM   186 N N9    . DG  B 1 4 ? -4.669 -2.777  -4.116 1.00 27.75 ? 10 DG  B N9    1 
ATOM   187 C C8    . DG  B 1 4 ? -4.541 -2.432  -5.446 1.00 33.91 ? 10 DG  B C8    1 
ATOM   188 N N7    . DG  B 1 4 ? -3.365 -1.923  -5.769 1.00 35.83 ? 10 DG  B N7    1 
ATOM   189 C C5    . DG  B 1 4 ? -2.644 -1.926  -4.560 1.00 22.73 ? 10 DG  B C5    1 
ATOM   190 C C6    . DG  B 1 4 ? -1.299 -1.493  -4.273 1.00 18.06 ? 10 DG  B C6    1 
ATOM   191 O O6    . DG  B 1 4 ? -0.425 -1.001  -4.993 1.00 8.75  ? 10 DG  B O6    1 
ATOM   192 N N1    . DG  B 1 4 ? -1.003 -1.681  -2.960 1.00 3.25  ? 10 DG  B N1    1 
ATOM   193 C C2    . DG  B 1 4 ? -1.854 -2.201  -2.032 1.00 5.46  ? 10 DG  B C2    1 
ATOM   194 N N2    . DG  B 1 4 ? -1.397 -2.307  -0.802 1.00 12.27 ? 10 DG  B N2    1 
ATOM   195 N N3    . DG  B 1 4 ? -3.084 -2.612  -2.260 1.00 5.87  ? 10 DG  B N3    1 
ATOM   196 C C4    . DG  B 1 4 ? -3.433 -2.444  -3.548 1.00 23.77 ? 10 DG  B C4    1 
ATOM   197 P P     . DG  B 1 5 ? -7.711 -4.369  0.835  1.00 32.54 ? 11 DG  B P     1 
ATOM   198 O OP1   . DG  B 1 5 ? -9.050 -4.601  1.447  1.00 21.21 ? 11 DG  B OP1   1 
ATOM   199 O OP2   . DG  B 1 5 ? -6.761 -3.451  1.532  1.00 18.52 ? 11 DG  B OP2   1 
ATOM   200 O "O5'" . DG  B 1 5 ? -6.919 -5.783  0.568  1.00 34.25 ? 11 DG  B "O5'" 1 
ATOM   201 C "C5'" . DG  B 1 5 ? -5.639 -5.997  1.210  1.00 15.44 ? 11 DG  B "C5'" 1 
ATOM   202 C "C4'" . DG  B 1 5 ? -4.598 -6.939  0.622  1.00 10.44 ? 11 DG  B "C4'" 1 
ATOM   203 O "O4'" . DG  B 1 5 ? -4.033 -6.736  -0.722 1.00 18.17 ? 11 DG  B "O4'" 1 
ATOM   204 C "C3'" . DG  B 1 5 ? -3.485 -6.547  1.467  1.00 9.36  ? 11 DG  B "C3'" 1 
ATOM   205 O "O3'" . DG  B 1 5 ? -3.130 -7.744  2.060  1.00 27.17 ? 11 DG  B "O3'" 1 
ATOM   206 C "C2'" . DG  B 1 5 ? -2.423 -5.910  0.573  1.00 4.14  ? 11 DG  B "C2'" 1 
ATOM   207 C "C1'" . DG  B 1 5 ? -2.603 -6.673  -0.654 1.00 6.53  ? 11 DG  B "C1'" 1 
ATOM   208 N N9    . DG  B 1 5 ? -1.953 -6.143  -1.897 1.00 17.41 ? 11 DG  B N9    1 
ATOM   209 C C8    . DG  B 1 5 ? -2.516 -6.061  -3.143 1.00 10.53 ? 11 DG  B C8    1 
ATOM   210 N N7    . DG  B 1 5 ? -1.724 -5.558  -4.048 1.00 9.69  ? 11 DG  B N7    1 
ATOM   211 C C5    . DG  B 1 5 ? -0.531 -5.280  -3.386 1.00 3.29  ? 11 DG  B C5    1 
ATOM   212 C C6    . DG  B 1 5 ? 0.704  -4.715  -3.876 1.00 6.26  ? 11 DG  B C6    1 
ATOM   213 O O6    . DG  B 1 5 ? 0.976  -4.356  -5.035 1.00 4.42  ? 11 DG  B O6    1 
ATOM   214 N N1    . DG  B 1 5 ? 1.662  -4.602  -2.842 1.00 11.59 ? 11 DG  B N1    1 
ATOM   215 C C2    . DG  B 1 5 ? 1.448  -4.988  -1.506 1.00 14.51 ? 11 DG  B C2    1 
ATOM   216 N N2    . DG  B 1 5 ? 2.420  -4.831  -0.624 1.00 4.26  ? 11 DG  B N2    1 
ATOM   217 N N3    . DG  B 1 5 ? 0.299  -5.516  -1.070 1.00 8.05  ? 11 DG  B N3    1 
ATOM   218 C C4    . DG  B 1 5 ? -0.649 -5.637  -2.052 1.00 15.36 ? 11 DG  B C4    1 
ATOM   219 P P     . DG  B 1 6 ? -2.016 -7.863  3.194  1.00 45.72 ? 12 DG  B P     1 
ATOM   220 O OP1   . DG  B 1 6 ? -2.586 -7.724  4.548  1.00 41.17 ? 12 DG  B OP1   1 
ATOM   221 O OP2   . DG  B 1 6 ? -0.823 -7.076  2.811  1.00 40.47 ? 12 DG  B OP2   1 
ATOM   222 O "O5'" . DG  B 1 6 ? -1.789 -9.432  2.860  1.00 48.59 ? 12 DG  B "O5'" 1 
ATOM   223 C "C5'" . DG  B 1 6 ? -2.739 -10.504 3.059  1.00 45.25 ? 12 DG  B "C5'" 1 
ATOM   224 C "C4'" . DG  B 1 6 ? -3.969 -10.535 2.120  1.00 42.30 ? 12 DG  B "C4'" 1 
ATOM   225 O "O4'" . DG  B 1 6 ? -3.656 -10.439 0.727  1.00 45.86 ? 12 DG  B "O4'" 1 
ATOM   226 C "C3'" . DG  B 1 6 ? -4.813 -11.813 2.255  1.00 39.26 ? 12 DG  B "C3'" 1 
ATOM   227 O "O3'" . DG  B 1 6 ? -5.998 -11.592 3.027  1.00 34.91 ? 12 DG  B "O3'" 1 
ATOM   228 C "C2'" . DG  B 1 6 ? -5.151 -12.181 0.809  1.00 45.95 ? 12 DG  B "C2'" 1 
ATOM   229 C "C1'" . DG  B 1 6 ? -4.872 -10.888 0.064  1.00 46.71 ? 12 DG  B "C1'" 1 
ATOM   230 N N9    . DG  B 1 6 ? -4.589 -11.000 -1.384 1.00 43.65 ? 12 DG  B N9    1 
ATOM   231 C C8    . DG  B 1 6 ? -3.343 -10.877 -1.917 1.00 42.86 ? 12 DG  B C8    1 
ATOM   232 N N7    . DG  B 1 6 ? -3.307 -10.994 -3.207 1.00 44.46 ? 12 DG  B N7    1 
ATOM   233 C C5    . DG  B 1 6 ? -4.634 -11.209 -3.567 1.00 42.89 ? 12 DG  B C5    1 
ATOM   234 C C6    . DG  B 1 6 ? -5.188 -11.409 -4.859 1.00 40.44 ? 12 DG  B C6    1 
ATOM   235 O O6    . DG  B 1 6 ? -4.631 -11.434 -5.954 1.00 48.31 ? 12 DG  B O6    1 
ATOM   236 N N1    . DG  B 1 6 ? -6.506 -11.577 -4.812 1.00 34.98 ? 12 DG  B N1    1 
ATOM   237 C C2    . DG  B 1 6 ? -7.250 -11.570 -3.698 1.00 33.67 ? 12 DG  B C2    1 
ATOM   238 N N2    . DG  B 1 6 ? -8.519 -11.771 -3.987 1.00 33.32 ? 12 DG  B N2    1 
ATOM   239 N N3    . DG  B 1 6 ? -6.777 -11.385 -2.448 1.00 31.00 ? 12 DG  B N3    1 
ATOM   240 C C4    . DG  B 1 6 ? -5.441 -11.210 -2.459 1.00 38.36 ? 12 DG  B C4    1 
HETATM 241 O O     . HOH C 2 . ? 8.210  3.560   0.964  1.00 2.00  ? 13 HOH A O     1 
HETATM 242 O O     . HOH C 2 . ? 6.398  4.554   -1.675 1.00 5.20  ? 15 HOH A O     1 
HETATM 243 O O     . HOH C 2 . ? 5.401  -6.875  2.134  1.00 9.10  ? 16 HOH A O     1 
HETATM 244 O O     . HOH C 2 . ? 4.778  6.266   6.639  1.00 10.35 ? 17 HOH A O     1 
HETATM 245 O O     . HOH C 2 . ? -0.522 2.005   10.181 1.00 2.00  ? 18 HOH A O     1 
HETATM 246 O O     . HOH C 2 . ? -0.504 9.095   11.426 1.00 11.35 ? 22 HOH A O     1 
HETATM 247 O O     . HOH C 2 . ? -1.837 2.350   1.463  1.00 9.30  ? 23 HOH A O     1 
HETATM 248 O O     . HOH C 2 . ? 6.783  -3.943  5.306  1.00 9.03  ? 25 HOH A O     1 
HETATM 249 O O     . HOH C 2 . ? 11.817 -3.039  2.816  1.00 2.00  ? 26 HOH A O     1 
HETATM 250 O O     . HOH C 2 . ? 2.359  0.576   -7.457 1.00 9.04  ? 28 HOH A O     1 
HETATM 251 O O     . HOH C 2 . ? -3.087 4.079   -0.181 1.00 8.20  ? 29 HOH A O     1 
HETATM 252 O O     . HOH C 2 . ? 1.489  -2.849  7.184  1.00 6.90  ? 30 HOH A O     1 
HETATM 253 O O     . HOH C 2 . ? -0.505 -9.706  -0.199 1.00 24.24 ? 31 HOH A O     1 
HETATM 254 O O     . HOH C 2 . ? 2.888  -6.946  -8.791 1.00 13.62 ? 32 HOH A O     1 
HETATM 255 O O     . HOH C 2 . ? 8.047  -7.123  2.988  1.00 6.86  ? 33 HOH A O     1 
HETATM 256 O O     . HOH C 2 . ? 2.730  7.974   9.418  1.00 23.80 ? 35 HOH A O     1 
HETATM 257 O O     . HOH C 2 . ? -0.450 -2.733  5.468  1.00 10.80 ? 36 HOH A O     1 
HETATM 258 O O     . HOH C 2 . ? 8.483  4.235   3.764  1.00 26.20 ? 43 HOH A O     1 
HETATM 259 O O     . HOH D 2 . ? -8.511 -11.893 1.460  1.00 4.23  ? 14 HOH B O     1 
HETATM 260 O O     . HOH D 2 . ? -4.981 3.770   1.789  1.00 8.69  ? 19 HOH B O     1 
HETATM 261 O O     . HOH D 2 . ? -2.160 -13.576 0.474  1.00 2.00  ? 20 HOH B O     1 
HETATM 262 O O     . HOH D 2 . ? -7.307 -13.646 -6.024 1.00 6.51  ? 21 HOH B O     1 
HETATM 263 O O     . HOH D 2 . ? -0.468 -9.181  6.067  1.00 25.51 ? 24 HOH B O     1 
HETATM 264 O O     . HOH D 2 . ? -5.956 7.463   1.968  1.00 5.35  ? 27 HOH B O     1 
HETATM 265 O O     . HOH D 2 . ? -8.117 3.496   -4.706 1.00 21.86 ? 34 HOH B O     1 
HETATM 266 O O     . HOH D 2 . ? 6.705  4.598   -5.296 1.00 26.27 ? 37 HOH B O     1 
HETATM 267 O O     . HOH D 2 . ? -2.883 -13.807 -4.184 1.00 11.93 ? 38 HOH B O     1 
HETATM 268 O O     . HOH D 2 . ? 5.539  8.362   0.001  1.00 24.75 ? 39 HOH B O     1 
HETATM 269 O O     . HOH D 2 . ? 7.012  9.233   -2.517 1.00 21.17 ? 40 HOH B O     1 
HETATM 270 O O     . HOH D 2 . ? 6.876  12.241  -3.495 1.00 26.22 ? 41 HOH B O     1 
HETATM 271 O O     . HOH D 2 . ? 9.647  13.400  -4.021 1.00 26.20 ? 42 HOH B O     1 
# 
